data_1W2O
#
_entry.id   1W2O
#
_cell.length_a   139.100
_cell.length_b   139.100
_cell.length_c   48.600
_cell.angle_alpha   90.00
_cell.angle_beta   90.00
_cell.angle_gamma   120.00
#
_symmetry.space_group_name_H-M   'P 31 2 1'
#
loop_
_entity.id
_entity.type
_entity.pdbx_description
1 polymer 'DEACETOXYCEPHALOSPORIN C SYNTHASE'
2 non-polymer 'FE (III) ION'
3 non-polymer DEACETOXYCEPHALOSPORIN-C
4 water water
#
_entity_poly.entity_id   1
_entity_poly.type   'polypeptide(L)'
_entity_poly.pdbx_seq_one_letter_code
;MGSSHHHHHHSSGLVPRGSHMDTTVPTFSLAELQQGLHQDEFRRCLRDKGLFYLTDCGLTDTELKSAKDLVIDFFEHGSE
AEKRAVTSPVPTMRRGFTGLESESTAQITNTGSYSDYSMCYSMGTADNLFPSGDFERIWTQYFDRQYTASRAVAREVLRA
TGTEPDGGVEAFLDCEPLLRFRYFPQVPEHRSAEEQPLRMAPHYDLSMVTLIQQTPCANGFVSLQAEVGGAFTDLPYRPD
AVLVFCGAIATLVTGGQVKAPRHHVAAPRRDQIAGSSRTSSVFFLRPNADFTFSVPLARECGFDVSLDGETATFQDWIGG
NYVNIRRTSKA
;
_entity_poly.pdbx_strand_id   A
#
loop_
_chem_comp.id
_chem_comp.type
_chem_comp.name
_chem_comp.formula
FE non-polymer 'FE (III) ION' 'Fe 3'
P1C non-polymer DEACETOXYCEPHALOSPORIN-C 'C14 H19 N3 O6 S'
#
# COMPACT_ATOMS: atom_id res chain seq x y z
N MET A 21 -21.35 2.30 -15.06
CA MET A 21 -22.54 1.94 -14.21
C MET A 21 -22.28 2.17 -12.69
N ASP A 22 -21.53 1.26 -12.04
CA ASP A 22 -21.37 1.23 -10.56
C ASP A 22 -19.96 1.61 -10.07
N THR A 23 -19.86 2.73 -9.35
CA THR A 23 -18.56 3.32 -9.00
C THR A 23 -18.24 3.42 -7.50
N THR A 24 -19.23 3.22 -6.62
CA THR A 24 -19.05 3.33 -5.15
C THR A 24 -17.94 2.43 -4.62
N VAL A 25 -17.35 2.81 -3.50
CA VAL A 25 -16.29 2.04 -2.88
C VAL A 25 -16.67 1.66 -1.43
N PRO A 26 -16.89 0.36 -1.17
CA PRO A 26 -17.50 -0.09 0.09
C PRO A 26 -16.55 -0.05 1.27
N THR A 27 -17.13 -0.14 2.47
CA THR A 27 -16.39 -0.11 3.72
C THR A 27 -16.66 -1.38 4.53
N PHE A 28 -15.69 -1.85 5.33
CA PHE A 28 -15.89 -3.05 6.17
C PHE A 28 -15.14 -3.04 7.51
N SER A 29 -15.77 -3.57 8.56
CA SER A 29 -15.04 -3.90 9.78
C SER A 29 -14.40 -5.28 9.58
N LEU A 30 -13.12 -5.38 9.90
CA LEU A 30 -12.40 -6.65 9.76
C LEU A 30 -12.84 -7.64 10.85
N ALA A 31 -13.14 -7.11 12.03
CA ALA A 31 -13.64 -7.90 13.12
C ALA A 31 -14.95 -8.53 12.68
N GLU A 32 -15.88 -7.71 12.19
CA GLU A 32 -17.15 -8.22 11.69
C GLU A 32 -16.97 -9.28 10.61
N LEU A 33 -15.95 -9.16 9.77
CA LEU A 33 -15.77 -10.12 8.69
C LEU A 33 -15.34 -11.45 9.23
N GLN A 34 -14.42 -11.39 10.18
CA GLN A 34 -13.92 -12.56 10.92
C GLN A 34 -15.02 -13.28 11.68
N GLN A 35 -16.09 -12.56 12.04
CA GLN A 35 -17.29 -13.17 12.62
C GLN A 35 -18.31 -13.64 11.60
N GLY A 36 -17.84 -13.95 10.38
CA GLY A 36 -18.68 -14.56 9.36
C GLY A 36 -19.67 -13.64 8.67
N LEU A 37 -19.74 -12.40 9.14
CA LEU A 37 -20.76 -11.45 8.72
C LEU A 37 -20.46 -10.90 7.32
N HIS A 38 -21.51 -10.61 6.55
CA HIS A 38 -21.38 -9.92 5.25
C HIS A 38 -20.71 -10.76 4.13
N GLN A 39 -20.63 -12.08 4.30
CA GLN A 39 -19.88 -12.97 3.39
C GLN A 39 -20.02 -12.74 1.86
N ASP A 40 -21.25 -12.66 1.37
CA ASP A 40 -21.51 -12.47 -0.06
C ASP A 40 -20.99 -11.10 -0.55
N GLU A 41 -21.41 -10.02 0.08
CA GLU A 41 -20.98 -8.68 -0.33
C GLU A 41 -19.48 -8.62 -0.48
N PHE A 42 -18.76 -9.14 0.51
CA PHE A 42 -17.31 -9.02 0.53
C PHE A 42 -16.73 -9.82 -0.59
N ARG A 43 -17.36 -10.96 -0.89
CA ARG A 43 -16.96 -11.83 -1.99
C ARG A 43 -17.06 -11.10 -3.32
N ARG A 44 -18.17 -10.39 -3.53
CA ARG A 44 -18.49 -9.75 -4.81
C ARG A 44 -17.62 -8.51 -5.03
N CYS A 45 -17.44 -7.73 -3.96
CA CYS A 45 -16.55 -6.56 -3.94
C CYS A 45 -15.16 -6.95 -4.41
N LEU A 46 -14.65 -8.07 -3.94
CA LEU A 46 -13.33 -8.50 -4.37
C LEU A 46 -13.33 -8.72 -5.89
N ARG A 47 -14.24 -9.57 -6.37
CA ARG A 47 -14.24 -10.04 -7.74
C ARG A 47 -14.57 -8.95 -8.78
N ASP A 48 -15.35 -7.95 -8.38
CA ASP A 48 -15.86 -6.95 -9.34
C ASP A 48 -15.20 -5.56 -9.23
N LYS A 49 -14.75 -5.20 -8.04
CA LYS A 49 -13.97 -3.96 -7.84
C LYS A 49 -12.99 -4.23 -6.75
N GLY A 50 -11.73 -4.47 -7.06
CA GLY A 50 -10.83 -5.03 -6.04
C GLY A 50 -10.35 -4.14 -4.89
N LEU A 51 -11.18 -3.26 -4.35
CA LEU A 51 -10.72 -2.33 -3.36
C LEU A 51 -11.76 -2.06 -2.30
N PHE A 52 -11.33 -1.49 -1.17
CA PHE A 52 -12.22 -1.19 -0.05
C PHE A 52 -11.55 -0.50 1.10
N TYR A 53 -12.34 0.26 1.86
CA TYR A 53 -11.88 0.80 3.12
C TYR A 53 -12.13 -0.26 4.21
N LEU A 54 -11.54 -0.04 5.38
CA LEU A 54 -11.48 -1.06 6.42
C LEU A 54 -11.35 -0.49 7.84
N THR A 55 -12.36 -0.74 8.65
CA THR A 55 -12.36 -0.32 10.04
C THR A 55 -11.88 -1.46 10.92
N ASP A 56 -11.77 -1.17 12.22
CA ASP A 56 -11.55 -2.18 13.27
C ASP A 56 -10.56 -3.23 12.86
N CYS A 57 -9.35 -2.79 12.53
CA CYS A 57 -8.28 -3.75 12.26
C CYS A 57 -7.01 -3.33 12.97
N GLY A 58 -7.18 -2.73 14.14
CA GLY A 58 -6.05 -2.47 15.01
C GLY A 58 -5.07 -1.53 14.36
N LEU A 59 -5.60 -0.53 13.67
CA LEU A 59 -4.86 0.69 13.35
C LEU A 59 -5.72 1.86 13.74
N THR A 60 -5.05 2.97 13.99
CA THR A 60 -5.65 4.14 14.63
C THR A 60 -5.09 5.41 14.04
N ASP A 61 -5.91 6.42 13.81
CA ASP A 61 -5.41 7.67 13.27
C ASP A 61 -4.39 8.30 14.21
N THR A 62 -4.47 7.99 15.49
CA THR A 62 -3.54 8.56 16.46
C THR A 62 -2.13 8.04 16.18
N GLU A 63 -2.01 6.74 16.05
CA GLU A 63 -0.73 6.08 15.84
C GLU A 63 -0.02 6.60 14.60
N LEU A 64 -0.73 6.55 13.49
CA LEU A 64 -0.37 7.21 12.26
C LEU A 64 0.10 8.67 12.44
N LYS A 65 -0.71 9.50 13.09
CA LYS A 65 -0.41 10.93 13.19
C LYS A 65 0.78 11.21 14.09
N SER A 66 1.10 10.28 15.00
CA SER A 66 2.27 10.40 15.89
C SER A 66 3.54 10.04 15.16
N ALA A 67 3.41 9.17 14.16
CA ALA A 67 4.53 8.70 13.35
C ALA A 67 4.86 9.78 12.36
N LYS A 68 3.87 10.17 11.58
CA LYS A 68 3.98 11.33 10.68
C LYS A 68 4.73 12.43 11.42
N ASP A 69 4.28 12.74 12.64
CA ASP A 69 4.72 13.94 13.33
C ASP A 69 6.22 13.97 13.59
N LEU A 70 6.81 12.82 13.92
CA LEU A 70 8.25 12.73 14.19
C LEU A 70 9.12 12.66 12.92
N VAL A 71 8.58 12.20 11.80
CA VAL A 71 9.32 12.29 10.54
C VAL A 71 9.44 13.73 10.10
N ILE A 72 8.33 14.47 10.13
CA ILE A 72 8.32 15.87 9.71
C ILE A 72 9.24 16.62 10.68
N ASP A 73 9.26 16.19 11.94
CA ASP A 73 10.18 16.76 12.92
C ASP A 73 11.61 16.73 12.41
N PHE A 74 12.03 15.55 11.94
CA PHE A 74 13.35 15.34 11.39
C PHE A 74 13.53 16.12 10.10
N PHE A 75 12.53 16.10 9.23
CA PHE A 75 12.59 16.84 7.97
C PHE A 75 13.06 18.26 8.27
N GLU A 76 12.43 18.87 9.26
CA GLU A 76 12.60 20.27 9.55
C GLU A 76 13.86 20.58 10.36
N HIS A 77 14.24 19.72 11.31
CA HIS A 77 15.20 20.12 12.35
C HIS A 77 16.53 19.34 12.40
N GLY A 78 16.75 18.46 11.43
CA GLY A 78 17.97 17.68 11.37
C GLY A 78 19.04 18.40 10.59
N SER A 79 20.30 18.22 10.99
CA SER A 79 21.46 18.80 10.31
C SER A 79 21.67 18.14 8.97
N GLU A 80 22.38 18.82 8.06
CA GLU A 80 22.94 18.17 6.88
C GLU A 80 23.48 16.81 7.33
N ALA A 81 24.28 16.83 8.41
CA ALA A 81 25.05 15.69 8.90
C ALA A 81 24.25 14.40 9.14
N GLU A 82 23.30 14.45 10.08
CA GLU A 82 22.50 13.27 10.42
C GLU A 82 21.75 12.68 9.22
N LYS A 83 21.21 13.55 8.37
CA LYS A 83 20.57 13.13 7.11
C LYS A 83 21.53 12.34 6.22
N ARG A 84 22.61 12.94 5.76
CA ARG A 84 23.62 12.26 4.93
C ARG A 84 23.88 10.80 5.39
N ALA A 85 24.12 10.62 6.69
CA ALA A 85 24.50 9.32 7.27
C ALA A 85 23.34 8.33 7.33
N VAL A 86 22.13 8.83 7.04
CA VAL A 86 20.95 7.99 6.83
C VAL A 86 20.05 8.49 5.68
N THR A 87 20.66 8.86 4.56
CA THR A 87 19.94 9.00 3.29
C THR A 87 20.27 7.74 2.49
N SER A 88 19.52 7.49 1.42
CA SER A 88 19.64 6.23 0.67
C SER A 88 21.01 6.06 0.04
N PRO A 89 21.68 4.95 0.33
CA PRO A 89 23.00 4.68 -0.24
C PRO A 89 22.81 4.27 -1.70
N VAL A 90 22.44 3.01 -1.97
CA VAL A 90 21.90 2.62 -3.28
C VAL A 90 20.53 3.33 -3.50
N PRO A 91 20.46 4.33 -4.38
CA PRO A 91 19.27 5.19 -4.47
C PRO A 91 17.95 4.48 -4.86
N THR A 92 18.03 3.29 -5.46
CA THR A 92 16.87 2.62 -6.04
C THR A 92 16.43 1.36 -5.26
N MET A 93 17.40 0.60 -4.75
CA MET A 93 17.12 -0.40 -3.71
C MET A 93 16.86 0.42 -2.46
N ARG A 94 15.81 0.06 -1.72
CA ARG A 94 14.96 1.07 -1.09
C ARG A 94 14.82 1.04 0.45
N ARG A 95 15.71 1.77 1.13
CA ARG A 95 15.66 1.93 2.59
C ARG A 95 16.26 3.29 3.00
N GLY A 96 15.46 4.13 3.65
CA GLY A 96 15.92 5.43 4.12
C GLY A 96 15.20 6.58 3.44
N PHE A 97 15.85 7.73 3.38
CA PHE A 97 15.22 8.95 2.87
C PHE A 97 15.63 9.30 1.43
N THR A 98 14.82 10.13 0.77
CA THR A 98 15.08 10.63 -0.57
C THR A 98 14.42 12.00 -0.72
N GLY A 99 14.89 12.81 -1.67
CA GLY A 99 14.24 14.07 -2.00
C GLY A 99 14.15 15.08 -0.87
N LEU A 100 15.18 15.12 -0.03
CA LEU A 100 15.26 16.10 1.07
C LEU A 100 16.39 17.11 0.87
N GLU A 101 17.23 16.89 -0.15
CA GLU A 101 18.46 17.67 -0.32
C GLU A 101 18.21 19.08 -0.91
N SER A 102 19.08 20.03 -0.51
CA SER A 102 19.12 21.38 -1.07
C SER A 102 19.46 21.36 -2.56
N TYR A 117 9.99 18.84 -3.61
CA TYR A 117 8.59 18.60 -3.98
C TYR A 117 7.97 17.39 -3.25
N SER A 118 8.77 16.33 -3.09
CA SER A 118 8.35 15.16 -2.33
C SER A 118 9.54 14.60 -1.55
N MET A 119 9.40 14.51 -0.23
CA MET A 119 10.33 13.73 0.59
C MET A 119 9.71 12.38 0.87
N CYS A 120 10.53 11.40 1.20
CA CYS A 120 10.03 10.03 1.25
C CYS A 120 10.88 9.08 2.10
N TYR A 121 10.25 8.37 3.04
CA TYR A 121 10.93 7.42 3.94
C TYR A 121 10.58 5.95 3.66
N SER A 122 11.55 5.05 3.66
CA SER A 122 11.29 3.63 3.37
C SER A 122 11.78 2.66 4.46
N MET A 123 11.04 1.56 4.65
CA MET A 123 11.37 0.52 5.64
C MET A 123 11.09 -0.88 5.14
N GLY A 124 11.63 -1.88 5.85
CA GLY A 124 11.36 -3.29 5.59
C GLY A 124 11.48 -4.14 6.84
N THR A 125 11.71 -5.42 6.68
CA THR A 125 11.86 -6.32 7.82
C THR A 125 13.15 -6.00 8.57
N ALA A 126 14.18 -5.56 7.85
CA ALA A 126 15.53 -5.34 8.38
C ALA A 126 16.35 -4.36 7.53
N ASP A 127 17.64 -4.23 7.84
CA ASP A 127 18.54 -3.26 7.18
C ASP A 127 17.97 -1.85 7.12
N ASN A 128 17.25 -1.45 8.16
CA ASN A 128 16.62 -0.15 8.15
C ASN A 128 17.60 0.88 8.65
N LEU A 129 17.30 2.15 8.39
CA LEU A 129 18.14 3.26 8.84
C LEU A 129 17.36 4.33 9.66
N PHE A 130 17.88 4.66 10.87
CA PHE A 130 17.14 5.48 11.84
C PHE A 130 17.91 6.68 12.39
N PRO A 131 17.24 7.82 12.54
CA PRO A 131 17.91 9.04 13.01
C PRO A 131 18.16 9.09 14.52
N SER A 132 17.25 8.57 15.31
CA SER A 132 17.43 8.55 16.77
C SER A 132 16.98 7.22 17.36
N GLY A 133 17.06 7.10 18.68
CA GLY A 133 16.66 5.87 19.34
C GLY A 133 15.14 5.75 19.44
N ASP A 134 14.49 6.90 19.67
CA ASP A 134 13.06 6.93 19.92
C ASP A 134 12.32 6.79 18.63
N PHE A 135 12.80 7.44 17.58
CA PHE A 135 12.34 7.19 16.23
C PHE A 135 12.28 5.68 15.95
N GLU A 136 13.40 4.97 16.07
CA GLU A 136 13.44 3.54 15.85
C GLU A 136 12.26 2.83 16.47
N ARG A 137 12.04 3.04 17.77
CA ARG A 137 10.90 2.41 18.49
C ARG A 137 9.56 2.74 17.82
N ILE A 138 9.25 4.02 17.72
CA ILE A 138 7.95 4.43 17.23
C ILE A 138 7.68 3.88 15.85
N TRP A 139 8.69 3.90 14.99
CA TRP A 139 8.50 3.53 13.59
C TRP A 139 8.70 2.06 13.35
N THR A 140 9.31 1.36 14.30
CA THR A 140 9.40 -0.09 14.22
C THR A 140 8.06 -0.69 14.63
N GLN A 141 7.35 0.01 15.51
CA GLN A 141 6.10 -0.49 16.06
C GLN A 141 5.04 -0.17 15.03
N TYR A 142 5.21 1.00 14.41
CA TYR A 142 4.27 1.47 13.38
C TYR A 142 4.30 0.53 12.19
N PHE A 143 5.48 0.07 11.83
CA PHE A 143 5.66 -0.94 10.79
C PHE A 143 4.99 -2.25 11.20
N ASP A 144 5.35 -2.81 12.36
CA ASP A 144 4.74 -4.07 12.83
C ASP A 144 3.22 -4.08 12.77
N ARG A 145 2.61 -2.98 13.19
CA ARG A 145 1.16 -2.89 13.33
C ARG A 145 0.52 -2.96 11.97
N GLN A 146 1.10 -2.19 11.06
CA GLN A 146 0.81 -2.22 9.65
C GLN A 146 0.85 -3.65 9.12
N TYR A 147 1.99 -4.31 9.34
CA TYR A 147 2.26 -5.64 8.81
C TYR A 147 1.22 -6.64 9.32
N THR A 148 0.89 -6.55 10.60
CA THR A 148 -0.08 -7.45 11.22
C THR A 148 -1.45 -7.24 10.57
N ALA A 149 -1.81 -5.99 10.36
CA ALA A 149 -3.09 -5.67 9.75
C ALA A 149 -3.12 -6.20 8.32
N SER A 150 -2.04 -5.91 7.60
CA SER A 150 -1.89 -6.40 6.24
C SER A 150 -2.09 -7.90 6.20
N ARG A 151 -1.49 -8.61 7.15
CA ARG A 151 -1.58 -10.06 7.16
C ARG A 151 -3.02 -10.43 7.37
N ALA A 152 -3.67 -9.77 8.32
CA ALA A 152 -5.04 -10.13 8.69
C ALA A 152 -5.94 -10.02 7.46
N VAL A 153 -6.09 -8.81 6.93
CA VAL A 153 -6.91 -8.61 5.74
C VAL A 153 -6.56 -9.59 4.62
N ALA A 154 -5.28 -9.72 4.30
CA ALA A 154 -4.88 -10.74 3.34
C ALA A 154 -5.48 -12.12 3.70
N ARG A 155 -5.22 -12.60 4.91
CA ARG A 155 -5.76 -13.86 5.44
C ARG A 155 -7.27 -14.01 5.18
N GLU A 156 -7.99 -12.91 5.41
CA GLU A 156 -9.40 -12.87 5.17
C GLU A 156 -9.70 -13.02 3.71
N VAL A 157 -8.96 -12.30 2.88
CA VAL A 157 -9.13 -12.37 1.43
C VAL A 157 -9.05 -13.83 0.91
N LEU A 158 -8.20 -14.65 1.53
CA LEU A 158 -8.05 -16.05 1.13
C LEU A 158 -9.18 -16.93 1.66
N ARG A 159 -9.41 -16.90 2.96
CA ARG A 159 -10.52 -17.64 3.57
C ARG A 159 -11.81 -17.43 2.74
N ALA A 160 -11.99 -16.19 2.26
CA ALA A 160 -13.19 -15.76 1.56
C ALA A 160 -13.32 -16.33 0.14
N THR A 161 -12.19 -16.50 -0.55
CA THR A 161 -12.17 -17.17 -1.86
C THR A 161 -11.91 -18.65 -1.73
N GLY A 162 -12.05 -19.17 -0.51
CA GLY A 162 -11.64 -20.53 -0.21
C GLY A 162 -10.33 -20.91 -0.85
N THR A 163 -9.28 -20.15 -0.59
CA THR A 163 -7.99 -20.30 -1.24
C THR A 163 -6.93 -20.66 -0.21
N GLU A 164 -6.06 -21.60 -0.56
CA GLU A 164 -5.05 -22.12 0.37
C GLU A 164 -3.72 -22.34 -0.34
N PRO A 165 -2.87 -21.33 -0.34
CA PRO A 165 -1.63 -21.33 -1.13
C PRO A 165 -0.70 -22.51 -0.89
N ASP A 166 0.09 -22.84 -1.90
CA ASP A 166 1.02 -23.94 -1.81
C ASP A 166 2.01 -23.68 -0.64
N GLY A 167 2.17 -24.66 0.24
CA GLY A 167 3.03 -24.51 1.40
C GLY A 167 2.37 -23.96 2.66
N GLY A 168 1.20 -23.32 2.50
CA GLY A 168 0.38 -22.86 3.63
C GLY A 168 0.01 -21.38 3.62
N VAL A 169 -1.14 -21.06 4.18
CA VAL A 169 -1.54 -19.65 4.33
C VAL A 169 -0.49 -18.85 5.09
N GLU A 170 0.04 -19.39 6.17
CA GLU A 170 0.96 -18.64 7.02
C GLU A 170 2.33 -18.43 6.38
N ALA A 171 2.90 -19.47 5.80
CA ALA A 171 4.20 -19.34 5.16
C ALA A 171 4.15 -18.21 4.14
N PHE A 172 3.11 -18.24 3.32
CA PHE A 172 2.84 -17.23 2.32
C PHE A 172 2.72 -15.85 2.92
N LEU A 173 2.07 -15.74 4.06
CA LEU A 173 1.85 -14.44 4.70
C LEU A 173 3.08 -13.99 5.47
N ASP A 174 3.99 -14.91 5.79
CA ASP A 174 5.29 -14.54 6.34
C ASP A 174 6.14 -14.25 5.11
N CYS A 175 6.23 -12.98 4.77
CA CYS A 175 6.79 -12.59 3.49
C CYS A 175 7.77 -11.43 3.61
N GLU A 176 8.11 -10.80 2.48
CA GLU A 176 9.13 -9.74 2.40
C GLU A 176 8.45 -8.40 2.07
N PRO A 177 7.72 -7.82 3.02
CA PRO A 177 6.94 -6.59 2.79
C PRO A 177 7.78 -5.33 2.80
N LEU A 178 7.15 -4.23 2.41
CA LEU A 178 7.83 -2.96 2.22
C LEU A 178 6.89 -1.79 2.47
N LEU A 179 7.29 -0.83 3.28
CA LEU A 179 6.46 0.34 3.54
C LEU A 179 7.14 1.57 2.96
N ARG A 180 6.36 2.42 2.29
CA ARG A 180 6.82 3.72 1.78
C ARG A 180 5.87 4.81 2.30
N PHE A 181 6.44 5.76 3.04
CA PHE A 181 5.75 6.95 3.50
C PHE A 181 6.14 8.11 2.61
N ARG A 182 5.17 8.93 2.20
CA ARG A 182 5.47 10.15 1.45
C ARG A 182 4.89 11.35 2.20
N TYR A 183 5.63 12.47 2.19
CA TYR A 183 5.16 13.75 2.70
C TYR A 183 5.39 14.85 1.68
N PHE A 184 4.31 15.43 1.17
CA PHE A 184 4.35 16.61 0.31
C PHE A 184 4.16 17.86 1.16
N PRO A 185 5.23 18.64 1.35
CA PRO A 185 5.19 19.84 2.21
C PRO A 185 4.70 21.13 1.56
N GLN A 186 4.88 22.21 2.34
CA GLN A 186 4.64 23.61 1.96
C GLN A 186 3.17 24.05 2.03
N VAL A 187 2.72 24.37 3.25
CA VAL A 187 1.65 25.36 3.56
C VAL A 187 1.40 25.51 5.07
N PRO A 197 3.09 20.20 -15.66
CA PRO A 197 2.43 19.44 -14.60
C PRO A 197 2.10 17.99 -15.04
N LEU A 198 3.10 17.11 -15.11
CA LEU A 198 2.97 15.84 -15.85
C LEU A 198 2.00 14.83 -15.23
N ARG A 199 1.36 14.04 -16.08
CA ARG A 199 0.29 13.11 -15.69
C ARG A 199 0.64 11.65 -16.05
N MET A 200 1.12 10.88 -15.07
CA MET A 200 1.42 9.44 -15.29
C MET A 200 0.14 8.61 -15.55
N ALA A 201 0.33 7.36 -15.96
CA ALA A 201 -0.79 6.50 -16.33
C ALA A 201 -1.11 5.48 -15.22
N PRO A 202 -2.36 5.07 -15.10
CA PRO A 202 -2.76 4.14 -14.04
C PRO A 202 -1.96 2.85 -14.04
N HIS A 203 -1.79 2.27 -12.85
CA HIS A 203 -1.13 0.98 -12.72
C HIS A 203 -1.84 0.13 -11.68
N TYR A 204 -1.64 -1.18 -11.79
CA TYR A 204 -2.01 -2.14 -10.78
C TYR A 204 -0.79 -2.28 -9.89
N ASP A 205 -1.00 -2.60 -8.61
CA ASP A 205 0.11 -2.67 -7.66
C ASP A 205 0.66 -4.10 -7.65
N LEU A 206 1.97 -4.22 -7.40
CA LEU A 206 2.70 -5.47 -7.54
C LEU A 206 2.79 -6.03 -6.14
N SER A 207 1.64 -6.48 -5.65
CA SER A 207 1.42 -6.81 -4.24
C SER A 207 0.31 -7.83 -4.04
N MET A 208 0.24 -8.39 -2.83
CA MET A 208 -0.88 -9.22 -2.41
C MET A 208 -2.04 -8.30 -2.03
N VAL A 209 -1.78 -7.46 -1.05
CA VAL A 209 -2.62 -6.31 -0.75
C VAL A 209 -1.71 -5.11 -0.47
N THR A 210 -2.28 -3.92 -0.58
CA THR A 210 -1.60 -2.70 -0.21
C THR A 210 -2.53 -1.90 0.70
N LEU A 211 -1.98 -1.35 1.80
CA LEU A 211 -2.78 -0.55 2.73
C LEU A 211 -2.34 0.91 2.67
N ILE A 212 -3.28 1.80 2.39
CA ILE A 212 -2.97 3.22 2.38
C ILE A 212 -3.60 3.88 3.58
N GLN A 213 -2.81 4.63 4.33
CA GLN A 213 -3.35 5.58 5.28
C GLN A 213 -2.89 6.91 4.77
N GLN A 214 -3.78 7.88 4.69
CA GLN A 214 -3.41 9.20 4.18
C GLN A 214 -3.89 10.23 5.16
N THR A 215 -3.30 11.40 5.07
CA THR A 215 -3.85 12.58 5.72
C THR A 215 -4.41 13.46 4.61
N PRO A 216 -5.41 14.25 4.94
CA PRO A 216 -6.13 15.00 3.93
C PRO A 216 -5.41 16.32 3.63
N CYS A 217 -5.84 17.03 2.59
CA CYS A 217 -5.36 18.36 2.30
C CYS A 217 -6.32 19.32 2.93
N ALA A 218 -5.79 20.47 3.35
CA ALA A 218 -6.60 21.51 3.96
C ALA A 218 -7.68 22.09 3.02
N ASN A 219 -7.62 21.71 1.73
CA ASN A 219 -8.48 22.24 0.66
C ASN A 219 -9.25 21.19 -0.18
N GLY A 220 -9.31 19.95 0.28
CA GLY A 220 -10.23 18.97 -0.27
C GLY A 220 -9.73 18.05 -1.36
N PHE A 221 -8.63 18.41 -2.02
CA PHE A 221 -8.14 17.67 -3.20
C PHE A 221 -7.72 16.25 -2.87
N VAL A 222 -8.17 15.31 -3.68
CA VAL A 222 -7.77 13.91 -3.55
C VAL A 222 -6.73 13.58 -4.62
N SER A 223 -5.61 13.01 -4.19
CA SER A 223 -4.56 12.62 -5.12
C SER A 223 -4.84 11.27 -5.72
N LEU A 224 -5.55 10.44 -4.97
CA LEU A 224 -5.64 9.02 -5.27
C LEU A 224 -6.98 8.68 -5.89
N GLN A 225 -6.94 8.00 -7.04
CA GLN A 225 -8.14 7.56 -7.73
C GLN A 225 -7.95 6.18 -8.32
N ALA A 226 -9.06 5.56 -8.72
CA ALA A 226 -9.06 4.20 -9.25
C ALA A 226 -10.20 3.93 -10.24
N GLU A 227 -9.99 2.95 -11.11
CA GLU A 227 -11.01 2.50 -12.04
C GLU A 227 -11.98 1.60 -11.27
N VAL A 228 -13.24 2.02 -11.25
CA VAL A 228 -14.27 1.26 -10.57
C VAL A 228 -15.51 1.24 -11.46
N GLY A 229 -15.79 0.08 -12.05
CA GLY A 229 -16.95 -0.10 -12.89
C GLY A 229 -17.05 0.99 -13.94
N GLY A 230 -15.97 1.11 -14.71
CA GLY A 230 -15.94 2.02 -15.85
C GLY A 230 -15.33 3.39 -15.61
N ALA A 231 -15.26 3.83 -14.35
CA ALA A 231 -14.96 5.24 -14.07
C ALA A 231 -13.89 5.49 -12.98
N PHE A 232 -13.47 6.74 -12.86
CA PHE A 232 -12.49 7.18 -11.88
C PHE A 232 -13.15 7.68 -10.59
N THR A 233 -12.97 6.97 -9.48
CA THR A 233 -13.54 7.37 -8.19
C THR A 233 -12.46 7.90 -7.26
N ASP A 234 -12.78 8.97 -6.54
CA ASP A 234 -11.86 9.53 -5.56
C ASP A 234 -11.69 8.56 -4.42
N LEU A 235 -10.50 8.59 -3.83
CA LEU A 235 -10.15 7.79 -2.68
C LEU A 235 -9.52 8.67 -1.60
N PRO A 236 -10.36 9.42 -0.88
CA PRO A 236 -9.88 10.33 0.16
C PRO A 236 -9.46 9.66 1.45
N TYR A 237 -8.96 10.48 2.38
CA TYR A 237 -8.82 10.10 3.79
C TYR A 237 -10.21 9.89 4.31
N ARG A 238 -10.44 8.77 4.98
CA ARG A 238 -11.67 8.56 5.74
C ARG A 238 -11.30 8.36 7.21
N PRO A 239 -11.97 9.02 8.17
CA PRO A 239 -11.62 8.86 9.58
C PRO A 239 -11.75 7.42 10.08
N ASP A 240 -10.70 6.97 10.73
CA ASP A 240 -10.61 5.65 11.36
C ASP A 240 -10.65 4.51 10.35
N ALA A 241 -10.53 4.84 9.08
CA ALA A 241 -10.51 3.84 8.02
C ALA A 241 -9.12 3.71 7.43
N VAL A 242 -8.93 2.68 6.63
CA VAL A 242 -7.70 2.51 5.89
C VAL A 242 -8.06 1.83 4.61
N LEU A 243 -7.51 2.36 3.52
CA LEU A 243 -7.84 1.91 2.19
C LEU A 243 -7.08 0.63 1.83
N VAL A 244 -7.73 -0.27 1.12
CA VAL A 244 -7.10 -1.52 0.73
C VAL A 244 -7.27 -1.82 -0.76
N PHE A 245 -6.17 -1.70 -1.50
CA PHE A 245 -6.12 -2.27 -2.85
C PHE A 245 -5.78 -3.74 -2.74
N CYS A 246 -6.45 -4.56 -3.54
CA CYS A 246 -5.96 -5.86 -3.90
C CYS A 246 -4.87 -5.64 -4.96
N GLY A 247 -3.92 -6.57 -5.05
CA GLY A 247 -2.80 -6.47 -5.97
C GLY A 247 -2.74 -7.66 -6.89
N ALA A 248 -1.82 -7.63 -7.85
CA ALA A 248 -1.74 -8.66 -8.87
C ALA A 248 -1.59 -10.05 -8.26
N ILE A 249 -0.84 -10.09 -7.16
CA ILE A 249 -0.58 -11.35 -6.50
C ILE A 249 -1.88 -11.92 -5.97
N ALA A 250 -2.77 -11.06 -5.48
CA ALA A 250 -4.08 -11.51 -5.05
C ALA A 250 -4.79 -12.19 -6.18
N THR A 251 -4.99 -11.48 -7.29
CA THR A 251 -5.61 -12.08 -8.47
C THR A 251 -5.00 -13.44 -8.77
N LEU A 252 -3.69 -13.47 -8.86
CA LEU A 252 -2.98 -14.68 -9.24
C LEU A 252 -3.24 -15.86 -8.34
N VAL A 253 -3.05 -15.67 -7.05
CA VAL A 253 -3.10 -16.79 -6.11
C VAL A 253 -4.50 -17.41 -5.94
N THR A 254 -5.55 -16.61 -6.16
CA THR A 254 -6.94 -17.08 -6.05
C THR A 254 -7.48 -17.67 -7.33
N GLY A 255 -6.61 -17.99 -8.29
CA GLY A 255 -7.06 -18.46 -9.58
C GLY A 255 -8.06 -17.53 -10.25
N GLY A 256 -7.70 -16.24 -10.29
CA GLY A 256 -8.47 -15.21 -10.95
C GLY A 256 -9.71 -14.72 -10.23
N GLN A 257 -9.93 -15.18 -8.99
CA GLN A 257 -11.14 -14.83 -8.24
C GLN A 257 -11.21 -13.38 -7.78
N VAL A 258 -10.07 -12.67 -7.76
CA VAL A 258 -9.95 -11.31 -7.18
C VAL A 258 -9.32 -10.25 -8.11
N LYS A 259 -9.97 -9.10 -8.25
CA LYS A 259 -9.54 -8.04 -9.17
C LYS A 259 -8.51 -7.15 -8.54
N ALA A 260 -7.43 -6.87 -9.29
CA ALA A 260 -6.44 -5.86 -8.92
C ALA A 260 -6.70 -4.55 -9.70
N PRO A 261 -7.43 -3.59 -9.10
CA PRO A 261 -7.76 -2.34 -9.79
C PRO A 261 -6.58 -1.47 -10.17
N ARG A 262 -6.63 -0.94 -11.39
CA ARG A 262 -5.68 0.07 -11.84
C ARG A 262 -5.95 1.39 -11.13
N HIS A 263 -4.91 2.01 -10.59
CA HIS A 263 -5.05 3.25 -9.83
C HIS A 263 -3.89 4.19 -10.18
N HIS A 264 -4.10 5.48 -9.99
CA HIS A 264 -3.07 6.51 -10.24
C HIS A 264 -3.04 7.61 -9.17
N VAL A 265 -1.91 8.30 -9.09
CA VAL A 265 -1.73 9.34 -8.09
C VAL A 265 -1.45 10.67 -8.79
N ALA A 266 -2.50 11.49 -8.85
CA ALA A 266 -2.48 12.82 -9.46
C ALA A 266 -1.68 13.82 -8.63
N ALA A 267 -1.06 14.76 -9.33
CA ALA A 267 -0.59 15.99 -8.72
C ALA A 267 -1.72 17.01 -8.83
N PRO A 268 -1.66 18.07 -8.04
CA PRO A 268 -2.61 19.17 -8.19
C PRO A 268 -2.29 20.07 -9.40
N ARG A 269 -3.33 20.55 -10.09
CA ARG A 269 -3.16 21.54 -11.17
C ARG A 269 -2.44 22.78 -10.59
N ARG A 270 -1.74 23.52 -11.45
CA ARG A 270 -0.88 24.65 -11.01
C ARG A 270 -1.67 25.75 -10.27
N ASP A 271 -3.01 25.64 -10.23
CA ASP A 271 -3.86 26.56 -9.44
C ASP A 271 -4.37 25.99 -8.08
N GLN A 272 -4.35 24.65 -7.93
CA GLN A 272 -4.74 23.96 -6.68
C GLN A 272 -3.62 23.85 -5.61
N ILE A 273 -2.56 24.65 -5.73
CA ILE A 273 -1.33 24.42 -4.97
C ILE A 273 -1.41 24.90 -3.49
N ALA A 274 -2.09 26.02 -3.24
CA ALA A 274 -2.27 26.49 -1.85
C ALA A 274 -3.11 25.47 -1.07
N GLY A 275 -2.66 25.13 0.12
CA GLY A 275 -3.39 24.21 0.99
C GLY A 275 -3.43 22.75 0.53
N SER A 276 -2.31 22.28 -0.02
CA SER A 276 -2.23 20.91 -0.55
C SER A 276 -1.20 19.99 0.13
N SER A 277 -0.56 20.45 1.22
CA SER A 277 0.28 19.54 1.99
C SER A 277 -0.52 18.30 2.37
N ARG A 278 0.06 17.14 2.10
CA ARG A 278 -0.57 15.87 2.41
C ARG A 278 0.47 14.82 2.74
N THR A 279 0.01 13.66 3.22
CA THR A 279 0.91 12.54 3.43
C THR A 279 0.20 11.25 3.06
N SER A 280 0.98 10.23 2.75
CA SER A 280 0.46 8.90 2.53
C SER A 280 1.39 7.81 3.09
N SER A 281 0.79 6.79 3.66
CA SER A 281 1.53 5.70 4.25
C SER A 281 1.08 4.45 3.53
N VAL A 282 2.00 3.79 2.84
CA VAL A 282 1.59 2.82 1.86
C VAL A 282 2.36 1.55 2.05
N PHE A 283 1.69 0.52 2.56
CA PHE A 283 2.37 -0.68 2.98
C PHE A 283 2.13 -1.76 1.96
N PHE A 284 3.13 -2.06 1.14
CA PHE A 284 3.06 -3.12 0.13
C PHE A 284 3.34 -4.49 0.72
N LEU A 285 2.36 -5.37 0.63
CA LEU A 285 2.52 -6.72 1.13
C LEU A 285 3.01 -7.57 -0.04
N ARG A 286 4.34 -7.68 -0.13
CA ARG A 286 4.99 -8.40 -1.20
C ARG A 286 5.45 -9.75 -0.67
N PRO A 287 5.31 -10.80 -1.48
CA PRO A 287 5.77 -12.14 -1.06
C PRO A 287 7.30 -12.29 -0.95
N ASN A 288 7.72 -13.50 -0.56
CA ASN A 288 9.12 -13.90 -0.60
C ASN A 288 9.45 -14.13 -2.06
N ALA A 289 10.70 -13.89 -2.46
CA ALA A 289 11.15 -14.10 -3.86
C ALA A 289 10.55 -15.33 -4.60
N ASP A 290 10.46 -16.47 -3.90
CA ASP A 290 10.20 -17.76 -4.52
C ASP A 290 8.73 -18.17 -4.74
N PHE A 291 7.78 -17.29 -4.44
CA PHE A 291 6.37 -17.61 -4.69
C PHE A 291 6.23 -17.98 -6.18
N THR A 292 5.19 -18.73 -6.55
CA THR A 292 5.05 -19.23 -7.93
C THR A 292 3.63 -19.17 -8.54
N PHE A 293 3.60 -18.96 -9.86
CA PHE A 293 2.35 -18.73 -10.59
C PHE A 293 2.44 -19.14 -12.08
N SER A 294 1.41 -19.85 -12.55
CA SER A 294 1.36 -20.33 -13.94
C SER A 294 1.12 -19.16 -14.88
N VAL A 295 2.03 -18.96 -15.84
CA VAL A 295 1.99 -17.77 -16.72
C VAL A 295 0.82 -17.72 -17.74
N PRO A 296 0.25 -18.86 -18.16
CA PRO A 296 -1.01 -18.80 -18.94
C PRO A 296 -2.16 -18.15 -18.14
N LEU A 297 -2.19 -18.32 -16.81
CA LEU A 297 -3.18 -17.65 -15.96
C LEU A 297 -2.93 -16.13 -15.85
N ALA A 298 -1.66 -15.75 -15.82
CA ALA A 298 -1.27 -14.37 -15.56
C ALA A 298 -1.74 -13.37 -16.62
N ARG A 299 -1.29 -13.57 -17.85
CA ARG A 299 -1.60 -12.63 -18.93
C ARG A 299 -3.12 -12.50 -19.12
N GLU A 300 -3.87 -13.55 -18.77
CA GLU A 300 -5.35 -13.57 -18.86
C GLU A 300 -6.06 -12.41 -18.14
N CYS A 301 -5.33 -11.60 -17.36
CA CYS A 301 -5.92 -10.43 -16.69
C CYS A 301 -5.20 -9.14 -17.07
N GLY A 302 -4.42 -9.20 -18.15
CA GLY A 302 -3.75 -8.04 -18.69
C GLY A 302 -2.60 -7.56 -17.86
N PHE A 303 -1.52 -8.35 -17.85
CA PHE A 303 -0.34 -8.03 -17.05
C PHE A 303 0.94 -8.02 -17.89
N ASP A 304 1.65 -6.89 -17.84
CA ASP A 304 2.91 -6.68 -18.58
C ASP A 304 4.02 -7.64 -18.09
N VAL A 305 4.10 -8.83 -18.70
CA VAL A 305 5.16 -9.79 -18.40
C VAL A 305 5.92 -10.16 -19.67
N SER A 306 7.13 -9.63 -19.81
CA SER A 306 8.00 -10.00 -20.91
C SER A 306 8.97 -11.10 -20.43
N LEU A 307 8.39 -12.25 -20.07
CA LEU A 307 9.19 -13.44 -19.77
C LEU A 307 8.48 -14.72 -20.24
N ASP A 308 9.26 -15.79 -20.39
CA ASP A 308 8.82 -16.99 -21.13
C ASP A 308 9.06 -18.28 -20.36
N GLY A 309 8.41 -19.35 -20.81
CA GLY A 309 8.60 -20.68 -20.26
C GLY A 309 7.31 -21.24 -19.67
N GLU A 310 7.46 -22.23 -18.77
CA GLU A 310 6.33 -22.79 -18.04
C GLU A 310 5.86 -21.75 -16.99
N THR A 311 5.92 -22.08 -15.70
CA THR A 311 5.58 -21.13 -14.64
C THR A 311 6.78 -20.22 -14.35
N ALA A 312 6.64 -19.32 -13.37
CA ALA A 312 7.69 -18.36 -13.01
C ALA A 312 7.68 -17.96 -11.51
N THR A 313 8.56 -17.03 -11.09
CA THR A 313 8.62 -16.55 -9.70
C THR A 313 8.68 -15.01 -9.54
N PHE A 314 8.26 -14.55 -8.36
CA PHE A 314 8.14 -13.11 -8.07
C PHE A 314 9.44 -12.31 -8.28
N GLN A 315 10.58 -12.93 -7.97
CA GLN A 315 11.88 -12.26 -8.10
C GLN A 315 12.12 -11.88 -9.57
N ASP A 316 11.96 -12.86 -10.46
CA ASP A 316 12.11 -12.68 -11.91
C ASP A 316 11.33 -11.47 -12.41
N TRP A 317 10.09 -11.38 -11.96
CA TRP A 317 9.13 -10.41 -12.47
C TRP A 317 9.45 -8.97 -12.09
N ILE A 318 10.06 -8.74 -10.93
CA ILE A 318 10.49 -7.40 -10.55
C ILE A 318 11.99 -7.23 -10.85
N GLY A 319 12.55 -6.13 -10.88
FE FE B . 0.25 2.12 -6.35
C1 P1C C . 8.55 2.07 -12.61
C2 P1C C . 7.45 2.73 -11.82
C3 P1C C . 7.57 2.41 -10.32
C4 P1C C . 8.48 3.40 -9.58
C7 P1C C . 9.14 2.79 -8.34
C10 P1C C . 8.92 3.71 -7.15
N11 P1C C . 8.00 3.32 -6.26
C12 P1C C . 6.99 4.34 -5.92
C13 P1C C . 6.25 4.75 -4.71
N14 P1C C . 7.46 4.16 -12.05
O15 P1C C . 9.53 4.77 -7.06
C16 P1C C . 5.83 4.96 -6.72
O18 P1C C . 6.41 4.58 -3.52
O19 P1C C . 9.67 1.88 -12.12
O20 P1C C . 8.34 1.68 -13.87
N29 P1C C . 5.24 5.44 -5.42
C30 P1C C . 3.93 5.06 -5.02
C31 P1C C . 3.37 5.94 -4.16
C32 P1C C . 3.31 3.94 -5.45
C33 P1C C . 1.93 3.56 -5.01
C37 P1C C . 4.00 2.97 -6.40
O42 P1C C . 2.25 5.83 -3.69
O43 P1C C . 4.05 7.03 -3.78
S P1C C . 4.87 3.81 -7.76
#